data_6GGE
#
_entry.id   6GGE
#
_cell.length_a   65.075
_cell.length_b   71.221
_cell.length_c   105.268
_cell.angle_alpha   90.000
_cell.angle_beta   90.000
_cell.angle_gamma   90.000
#
_symmetry.space_group_name_H-M   'P 21 21 21'
#
loop_
_entity.id
_entity.type
_entity.pdbx_description
1 polymer 'Cellular tumor antigen p53'
2 non-polymer 'ZINC ION'
3 non-polymer [9-ethyl-7-(5-methylthiophen-2-yl)carbazol-3-yl]methyl-methyl-azanium
4 water water
#
_entity_poly.entity_id   1
_entity_poly.type   'polypeptide(L)'
_entity_poly.pdbx_seq_one_letter_code
;SSSVPSQKTYQGSYGFRLGFLHSGTAKSVTCTYSPALNKLFCQLAKTCPVQLWVDSTPPPGTRVRAMAIYKQSQHMTEVV
RRCPHHERCSDSDGLAPPQHLIRVEGNLRAEYLDDRNTFRHSVVVPCEPPEVGSDCTTIHYNYMCYSSCMGGMNRRPILT
IITLEDSSGNLLGRDSFEVRVCACPGRDRRTEEENLRKKGEPHHELPPGSTKRALPNNT
;
_entity_poly.pdbx_strand_id   A,B
#
loop_
_chem_comp.id
_chem_comp.type
_chem_comp.name
_chem_comp.formula
EYE non-polymer [9-ethyl-7-(5-methylthiophen-2-yl)carbazol-3-yl]methyl-methyl-azanium 'C21 H23 N2 S 1'
ZN non-polymer 'ZINC ION' 'Zn 2'
#
# COMPACT_ATOMS: atom_id res chain seq x y z
N SER A 3 12.43 6.81 -2.09
CA SER A 3 11.54 7.86 -2.59
C SER A 3 10.25 7.88 -1.79
N VAL A 4 9.77 6.69 -1.42
CA VAL A 4 8.60 6.54 -0.56
C VAL A 4 8.86 5.46 0.48
N PRO A 5 8.71 5.76 1.76
CA PRO A 5 8.90 4.72 2.79
C PRO A 5 7.82 3.65 2.71
N SER A 6 8.21 2.41 2.99
CA SER A 6 7.25 1.31 3.00
C SER A 6 6.27 1.47 4.15
N GLN A 7 5.02 1.06 3.90
CA GLN A 7 4.00 1.02 4.93
C GLN A 7 3.52 -0.39 5.22
N LYS A 8 4.25 -1.41 4.78
CA LYS A 8 3.81 -2.79 4.94
C LYS A 8 3.90 -3.21 6.41
N THR A 9 2.79 -3.70 6.96
CA THR A 9 2.79 -4.22 8.32
C THR A 9 3.72 -5.42 8.41
N TYR A 10 4.57 -5.44 9.43
CA TYR A 10 5.59 -6.47 9.55
C TYR A 10 5.85 -6.68 11.04
N GLN A 11 5.40 -7.81 11.59
CA GLN A 11 5.60 -8.04 13.01
C GLN A 11 7.04 -8.39 13.33
N GLY A 12 7.74 -9.07 12.42
CA GLY A 12 9.12 -9.42 12.65
C GLY A 12 9.32 -10.45 13.75
N SER A 13 10.59 -10.63 14.11
CA SER A 13 10.97 -11.68 15.04
C SER A 13 10.42 -11.47 16.44
N TYR A 14 10.13 -10.22 16.81
CA TYR A 14 9.69 -9.91 18.17
C TYR A 14 8.18 -9.75 18.29
N GLY A 15 7.44 -9.96 17.22
CA GLY A 15 5.98 -9.83 17.29
C GLY A 15 5.52 -8.42 17.54
N PHE A 16 6.13 -7.44 16.88
CA PHE A 16 5.87 -6.03 17.13
C PHE A 16 4.53 -5.60 16.54
N ARG A 17 3.73 -4.89 17.34
CA ARG A 17 2.51 -4.26 16.83
C ARG A 17 2.09 -3.15 17.78
N LEU A 18 1.25 -2.26 17.27
CA LEU A 18 0.75 -1.13 18.06
C LEU A 18 -0.52 -1.51 18.80
N GLY A 19 -0.90 -0.66 19.76
CA GLY A 19 -2.20 -0.75 20.40
C GLY A 19 -2.68 0.65 20.74
N PHE A 20 -4.00 0.78 20.86
CA PHE A 20 -4.62 2.07 21.14
C PHE A 20 -5.64 1.92 22.25
N LEU A 21 -5.78 2.98 23.04
CA LEU A 21 -6.80 3.03 24.06
C LEU A 21 -8.20 3.09 23.43
N HIS A 22 -9.21 2.91 24.27
CA HIS A 22 -10.61 3.00 23.86
C HIS A 22 -11.21 4.24 24.50
N SER A 23 -11.07 5.38 23.82
CA SER A 23 -11.39 6.68 24.39
C SER A 23 -12.80 7.15 24.09
N GLY A 24 -13.52 6.48 23.20
CA GLY A 24 -14.88 6.88 22.89
C GLY A 24 -14.94 8.06 21.94
N THR A 25 -16.16 8.52 21.69
CA THR A 25 -16.40 9.55 20.67
C THR A 25 -17.18 10.74 21.21
N ALA A 26 -17.14 10.98 22.52
CA ALA A 26 -17.81 12.14 23.08
C ALA A 26 -17.23 13.42 22.47
N LYS A 27 -18.06 14.46 22.45
CA LYS A 27 -17.65 15.72 21.83
C LYS A 27 -16.37 16.27 22.46
N SER A 28 -16.13 15.96 23.74
CA SER A 28 -14.99 16.49 24.47
C SER A 28 -13.71 15.68 24.28
N VAL A 29 -13.74 14.56 23.58
CA VAL A 29 -12.56 13.71 23.49
C VAL A 29 -11.47 14.40 22.68
N THR A 30 -10.21 14.23 23.11
CA THR A 30 -9.10 14.92 22.46
C THR A 30 -8.28 14.00 21.55
N CYS A 31 -8.44 12.69 21.69
CA CYS A 31 -7.72 11.71 20.89
C CYS A 31 -8.56 10.45 20.92
N THR A 32 -8.83 9.87 19.77
CA THR A 32 -9.64 8.65 19.71
C THR A 32 -9.27 7.86 18.48
N TYR A 33 -9.21 6.54 18.63
CA TYR A 33 -8.74 5.65 17.57
C TYR A 33 -9.90 4.81 17.05
N SER A 34 -10.02 4.72 15.72
CA SER A 34 -11.03 3.90 15.07
C SER A 34 -10.40 2.62 14.55
N PRO A 35 -10.67 1.46 15.16
CA PRO A 35 -10.20 0.19 14.56
C PRO A 35 -10.79 -0.07 13.18
N ALA A 36 -12.05 0.28 12.95
CA ALA A 36 -12.66 -0.01 11.66
C ALA A 36 -11.98 0.74 10.53
N LEU A 37 -11.49 1.95 10.81
CA LEU A 37 -10.81 2.78 9.82
C LEU A 37 -9.29 2.70 9.91
N ASN A 38 -8.75 2.02 10.92
CA ASN A 38 -7.33 2.12 11.30
C ASN A 38 -6.87 3.57 11.25
N LYS A 39 -7.55 4.41 12.02
CA LYS A 39 -7.37 5.85 11.91
C LYS A 39 -7.46 6.49 13.28
N LEU A 40 -6.45 7.29 13.62
CA LEU A 40 -6.44 8.07 14.85
C LEU A 40 -6.95 9.48 14.53
N PHE A 41 -7.85 9.97 15.38
CA PHE A 41 -8.39 11.33 15.28
C PHE A 41 -7.94 12.09 16.51
N CYS A 42 -7.29 13.24 16.32
CA CYS A 42 -6.79 13.96 17.49
C CYS A 42 -6.84 15.46 17.29
N GLN A 43 -6.90 16.18 18.41
CA GLN A 43 -6.78 17.63 18.40
C GLN A 43 -5.33 18.05 18.26
N LEU A 44 -5.15 19.31 17.88
CA LEU A 44 -3.82 19.88 17.65
C LEU A 44 -3.00 19.90 18.93
N ALA A 45 -1.81 19.32 18.87
CA ALA A 45 -0.82 19.39 19.96
C ALA A 45 -1.31 18.71 21.24
N LYS A 46 -2.24 17.78 21.16
CA LYS A 46 -2.70 17.05 22.32
C LYS A 46 -2.07 15.65 22.37
N THR A 47 -2.01 15.11 23.58
CA THR A 47 -1.36 13.82 23.80
C THR A 47 -2.06 12.70 23.04
N CYS A 48 -1.28 11.93 22.30
CA CYS A 48 -1.78 10.75 21.59
C CYS A 48 -1.04 9.54 22.11
N PRO A 49 -1.64 8.77 23.02
CA PRO A 49 -0.96 7.58 23.56
C PRO A 49 -0.99 6.46 22.53
N VAL A 50 0.19 5.93 22.21
CA VAL A 50 0.33 4.81 21.30
C VAL A 50 1.06 3.71 22.03
N GLN A 51 0.42 2.55 22.15
CA GLN A 51 1.04 1.42 22.84
C GLN A 51 1.94 0.64 21.89
N LEU A 52 3.01 0.10 22.44
CA LEU A 52 3.90 -0.82 21.74
C LEU A 52 3.81 -2.18 22.41
N TRP A 53 3.55 -3.21 21.61
CA TRP A 53 3.43 -4.58 22.10
C TRP A 53 4.45 -5.45 21.37
N VAL A 54 5.10 -6.34 22.11
CA VAL A 54 5.97 -7.36 21.53
C VAL A 54 5.72 -8.68 22.23
N ASP A 55 6.00 -9.79 21.53
CA ASP A 55 5.92 -11.12 22.11
C ASP A 55 7.21 -11.55 22.80
N SER A 56 8.34 -10.94 22.46
CA SER A 56 9.60 -11.23 23.10
C SER A 56 10.44 -9.98 23.12
N THR A 57 11.43 -9.98 24.00
CA THR A 57 12.20 -8.78 24.32
C THR A 57 13.24 -8.51 23.23
N PRO A 58 13.21 -7.36 22.57
CA PRO A 58 14.24 -7.04 21.57
C PRO A 58 15.54 -6.66 22.24
N PRO A 59 16.64 -6.63 21.50
CA PRO A 59 17.96 -6.42 22.11
C PRO A 59 18.15 -5.01 22.64
N PRO A 60 19.07 -4.82 23.59
CA PRO A 60 19.45 -3.46 23.99
C PRO A 60 19.87 -2.65 22.78
N GLY A 61 19.43 -1.39 22.72
CA GLY A 61 19.74 -0.52 21.60
C GLY A 61 18.64 -0.47 20.55
N THR A 62 17.61 -1.29 20.68
CA THR A 62 16.46 -1.21 19.79
C THR A 62 15.77 0.14 19.97
N ARG A 63 15.29 0.70 18.85
CA ARG A 63 14.64 2.01 18.88
C ARG A 63 13.29 1.96 18.16
N VAL A 64 12.49 3.01 18.34
CA VAL A 64 11.15 3.11 17.78
C VAL A 64 11.05 4.47 17.09
N ARG A 65 10.81 4.46 15.78
CA ARG A 65 10.76 5.66 14.96
C ARG A 65 9.34 5.91 14.46
N ALA A 66 8.94 7.19 14.41
CA ALA A 66 7.67 7.60 13.83
C ALA A 66 7.93 8.57 12.69
N MET A 67 7.19 8.40 11.60
CA MET A 67 7.32 9.24 10.41
C MET A 67 5.95 9.35 9.75
N ALA A 68 5.64 10.52 9.22
CA ALA A 68 4.39 10.73 8.51
C ALA A 68 4.64 10.74 7.01
N ILE A 69 3.71 10.15 6.24
CA ILE A 69 3.70 10.28 4.79
C ILE A 69 2.28 10.59 4.36
N TYR A 70 2.15 11.20 3.17
CA TYR A 70 0.82 11.37 2.60
C TYR A 70 0.27 10.02 2.15
N LYS A 71 -1.03 9.82 2.40
CA LYS A 71 -1.65 8.54 2.10
C LYS A 71 -1.93 8.39 0.60
N GLN A 72 -2.26 9.47 -0.09
CA GLN A 72 -2.62 9.39 -1.50
C GLN A 72 -1.36 9.26 -2.34
N SER A 73 -1.38 8.33 -3.31
CA SER A 73 -0.19 8.01 -4.09
C SER A 73 0.37 9.24 -4.80
N GLN A 74 -0.50 10.12 -5.30
CA GLN A 74 -0.04 11.29 -6.05
C GLN A 74 0.64 12.33 -5.17
N HIS A 75 0.62 12.16 -3.85
CA HIS A 75 1.31 13.06 -2.93
C HIS A 75 2.40 12.38 -2.12
N MET A 76 2.62 11.07 -2.31
CA MET A 76 3.47 10.31 -1.41
C MET A 76 4.92 10.75 -1.44
N THR A 77 5.39 11.33 -2.55
CA THR A 77 6.78 11.77 -2.60
C THR A 77 7.00 13.11 -1.92
N GLU A 78 5.94 13.82 -1.54
CA GLU A 78 6.09 15.12 -0.87
C GLU A 78 6.34 14.92 0.62
N VAL A 79 7.33 15.62 1.15
CA VAL A 79 7.63 15.54 2.58
C VAL A 79 6.48 16.14 3.37
N VAL A 80 5.99 15.40 4.37
CA VAL A 80 4.99 15.93 5.29
C VAL A 80 5.69 16.85 6.28
N ARG A 81 5.25 18.11 6.36
CA ARG A 81 5.88 19.06 7.24
C ARG A 81 4.81 20.01 7.79
N ARG A 82 5.19 20.77 8.81
CA ARG A 82 4.29 21.80 9.31
C ARG A 82 4.12 22.92 8.28
N CYS A 83 2.96 23.57 8.34
CA CYS A 83 2.55 24.58 7.38
C CYS A 83 3.34 25.87 7.60
N PRO A 84 3.21 26.85 6.68
CA PRO A 84 4.03 28.07 6.80
C PRO A 84 3.72 28.89 8.03
N HIS A 85 2.53 28.76 8.60
CA HIS A 85 2.22 29.43 9.86
C HIS A 85 2.84 28.70 11.04
N HIS A 86 2.54 27.40 11.18
CA HIS A 86 2.94 26.68 12.37
C HIS A 86 4.46 26.50 12.48
N GLU A 87 5.17 26.42 11.35
CA GLU A 87 6.63 26.30 11.47
C GLU A 87 7.26 27.57 12.04
N ARG A 88 6.51 28.68 12.09
CA ARG A 88 6.99 29.98 12.53
C ARG A 88 6.33 30.46 13.82
N CYS A 89 5.60 29.61 14.53
N CYS A 89 5.61 29.58 14.52
CA CYS A 89 4.86 30.11 15.67
CA CYS A 89 4.84 29.98 15.69
C CYS A 89 5.60 29.95 16.99
C CYS A 89 5.68 30.15 16.94
N SER A 90 6.88 29.57 16.96
CA SER A 90 7.74 29.56 18.15
C SER A 90 7.10 28.81 19.32
N ASP A 91 6.68 27.58 19.06
CA ASP A 91 6.10 26.71 20.06
C ASP A 91 7.00 25.51 20.35
N SER A 92 8.30 25.66 20.14
CA SER A 92 9.21 24.54 20.28
C SER A 92 9.29 24.08 21.73
N ASP A 93 9.48 22.77 21.91
CA ASP A 93 9.73 22.19 23.21
C ASP A 93 11.21 22.20 23.58
N GLY A 94 12.04 22.91 22.81
CA GLY A 94 13.46 22.92 23.03
C GLY A 94 14.22 21.77 22.41
N LEU A 95 13.54 20.87 21.70
CA LEU A 95 14.19 19.70 21.11
C LEU A 95 13.68 19.42 19.70
N ALA A 96 12.37 19.48 19.50
CA ALA A 96 11.82 19.25 18.17
C ALA A 96 12.10 20.44 17.27
N PRO A 97 12.61 20.24 16.05
CA PRO A 97 12.69 21.35 15.11
C PRO A 97 11.31 21.88 14.83
N PRO A 98 11.17 23.19 14.59
CA PRO A 98 9.83 23.77 14.39
C PRO A 98 9.11 23.27 13.14
N GLN A 99 9.82 22.67 12.18
CA GLN A 99 9.21 22.14 10.97
C GLN A 99 8.54 20.78 11.16
N HIS A 100 8.89 20.04 12.22
CA HIS A 100 8.43 18.66 12.35
C HIS A 100 6.98 18.57 12.80
N LEU A 101 6.19 17.78 12.07
CA LEU A 101 4.79 17.57 12.44
C LEU A 101 4.67 16.73 13.71
N ILE A 102 5.43 15.63 13.83
CA ILE A 102 5.28 14.67 14.93
C ILE A 102 6.33 14.95 15.99
N ARG A 103 5.90 15.13 17.22
CA ARG A 103 6.78 15.23 18.39
C ARG A 103 6.49 14.08 19.34
N VAL A 104 7.50 13.75 20.15
CA VAL A 104 7.32 12.87 21.29
C VAL A 104 7.31 13.74 22.54
N GLU A 105 6.33 13.51 23.41
CA GLU A 105 6.19 14.22 24.67
C GLU A 105 6.95 13.53 25.78
N GLY A 106 7.64 14.33 26.59
CA GLY A 106 8.15 13.84 27.87
C GLY A 106 9.18 12.75 27.76
N ASN A 107 10.07 12.83 26.78
CA ASN A 107 11.15 11.85 26.63
C ASN A 107 12.39 12.60 26.18
N LEU A 108 13.30 12.85 27.14
CA LEU A 108 14.51 13.59 26.82
C LEU A 108 15.47 12.83 25.92
N ARG A 109 15.23 11.54 25.69
CA ARG A 109 16.06 10.76 24.78
C ARG A 109 15.51 10.72 23.36
N ALA A 110 14.44 11.46 23.08
CA ALA A 110 13.93 11.54 21.72
C ALA A 110 14.95 12.26 20.84
N GLU A 111 15.12 11.76 19.63
CA GLU A 111 15.98 12.36 18.62
C GLU A 111 15.15 12.66 17.38
N TYR A 112 15.40 13.82 16.79
CA TYR A 112 14.69 14.27 15.61
C TYR A 112 15.63 14.24 14.42
N LEU A 113 15.24 13.56 13.35
CA LEU A 113 16.06 13.39 12.17
C LEU A 113 15.46 14.17 11.01
N ASP A 114 16.31 14.97 10.34
CA ASP A 114 16.06 15.46 8.99
C ASP A 114 16.92 14.59 8.08
N ASP A 115 16.29 13.72 7.30
CA ASP A 115 17.05 12.78 6.50
C ASP A 115 17.87 13.52 5.44
N ARG A 116 19.17 13.23 5.38
CA ARG A 116 20.05 13.97 4.49
C ARG A 116 19.79 13.68 3.02
N ASN A 117 19.14 12.56 2.71
CA ASN A 117 18.87 12.17 1.32
C ASN A 117 17.43 12.37 0.90
N THR A 118 16.46 12.04 1.76
CA THR A 118 15.05 12.17 1.40
C THR A 118 14.41 13.45 1.92
N PHE A 119 15.05 14.14 2.86
CA PHE A 119 14.54 15.34 3.52
C PHE A 119 13.35 15.05 4.43
N ARG A 120 13.00 13.79 4.62
CA ARG A 120 11.85 13.48 5.47
C ARG A 120 12.21 13.64 6.94
N HIS A 121 11.19 13.95 7.73
CA HIS A 121 11.33 14.14 9.17
C HIS A 121 10.91 12.87 9.91
N SER A 122 11.58 12.61 11.03
CA SER A 122 11.12 11.53 11.89
C SER A 122 11.60 11.80 13.31
N VAL A 123 10.98 11.11 14.26
CA VAL A 123 11.37 11.19 15.66
C VAL A 123 11.53 9.78 16.18
N VAL A 124 12.64 9.53 16.88
CA VAL A 124 13.00 8.19 17.30
C VAL A 124 13.37 8.20 18.79
N VAL A 125 12.94 7.15 19.49
CA VAL A 125 13.23 7.00 20.92
C VAL A 125 13.75 5.59 21.16
N PRO A 126 14.48 5.39 22.26
CA PRO A 126 14.84 4.02 22.66
C PRO A 126 13.59 3.22 22.96
N CYS A 127 13.61 1.96 22.57
CA CYS A 127 12.55 1.04 22.98
C CYS A 127 12.76 0.70 24.45
N GLU A 128 11.71 0.86 25.24
CA GLU A 128 11.83 0.60 26.68
C GLU A 128 10.89 -0.54 27.08
N PRO A 129 11.28 -1.35 28.06
CA PRO A 129 10.36 -2.40 28.54
C PRO A 129 9.23 -1.77 29.36
N PRO A 130 8.12 -2.47 29.49
CA PRO A 130 7.02 -1.95 30.32
C PRO A 130 7.49 -1.78 31.77
N GLU A 131 6.90 -0.80 32.44
CA GLU A 131 7.13 -0.66 33.87
C GLU A 131 6.59 -1.90 34.59
N VAL A 132 7.16 -2.16 35.77
CA VAL A 132 6.68 -3.27 36.59
C VAL A 132 5.19 -3.08 36.87
N GLY A 133 4.40 -4.12 36.58
CA GLY A 133 2.97 -4.05 36.72
C GLY A 133 2.23 -3.70 35.44
N SER A 134 2.94 -3.33 34.38
CA SER A 134 2.35 -2.96 33.11
C SER A 134 2.65 -4.05 32.08
N ASP A 135 1.76 -4.19 31.11
CA ASP A 135 1.90 -5.19 30.06
C ASP A 135 2.46 -4.63 28.75
N CYS A 136 2.53 -3.32 28.59
CA CYS A 136 3.05 -2.74 27.36
C CYS A 136 3.74 -1.43 27.70
N THR A 137 4.38 -0.84 26.69
CA THR A 137 4.97 0.48 26.82
C THR A 137 4.18 1.44 25.95
N THR A 138 4.08 2.69 26.39
CA THR A 138 3.31 3.70 25.67
C THR A 138 4.22 4.86 25.32
N ILE A 139 4.12 5.33 24.07
CA ILE A 139 4.77 6.57 23.64
C ILE A 139 3.66 7.61 23.49
N HIS A 140 3.94 8.84 23.95
CA HIS A 140 2.99 9.93 23.84
C HIS A 140 3.42 10.85 22.70
N TYR A 141 2.66 10.82 21.61
CA TYR A 141 2.96 11.66 20.44
C TYR A 141 2.08 12.91 20.43
N ASN A 142 2.56 13.95 19.76
CA ASN A 142 1.79 15.15 19.47
C ASN A 142 1.89 15.44 17.98
N TYR A 143 0.78 15.86 17.39
CA TYR A 143 0.73 16.30 15.99
C TYR A 143 0.53 17.81 15.97
N MET A 144 1.43 18.51 15.27
CA MET A 144 1.60 19.94 15.49
C MET A 144 1.01 20.82 14.39
N CYS A 145 0.17 20.25 13.50
CA CYS A 145 -0.60 20.99 12.53
C CYS A 145 -1.93 20.27 12.36
N TYR A 146 -2.96 21.02 11.97
CA TYR A 146 -4.22 20.42 11.56
C TYR A 146 -4.10 19.80 10.17
N SER A 147 -4.87 18.75 9.94
CA SER A 147 -4.94 18.19 8.60
C SER A 147 -5.32 19.25 7.56
N SER A 148 -6.11 20.24 7.96
CA SER A 148 -6.62 21.27 7.06
C SER A 148 -5.65 22.43 6.84
N CYS A 149 -4.49 22.48 7.49
CA CYS A 149 -3.64 23.68 7.44
C CYS A 149 -3.25 24.03 6.02
N MET A 150 -3.56 25.25 5.60
CA MET A 150 -3.23 25.66 4.24
C MET A 150 -1.73 25.82 4.08
N GLY A 151 -1.23 25.43 2.92
CA GLY A 151 0.20 25.43 2.67
C GLY A 151 0.96 24.30 3.33
N GLY A 152 0.30 23.45 4.13
CA GLY A 152 0.90 22.27 4.70
C GLY A 152 0.14 21.05 4.24
N MET A 153 -0.43 20.30 5.19
CA MET A 153 -1.18 19.11 4.80
C MET A 153 -2.34 19.46 3.88
N ASN A 154 -3.00 20.61 4.08
CA ASN A 154 -3.97 21.15 3.14
C ASN A 154 -5.09 20.16 2.80
N ARG A 155 -5.62 19.53 3.85
CA ARG A 155 -6.74 18.58 3.82
C ARG A 155 -6.35 17.20 3.29
N ARG A 156 -5.08 16.96 2.96
CA ARG A 156 -4.66 15.66 2.46
C ARG A 156 -4.45 14.70 3.62
N PRO A 157 -5.01 13.49 3.57
CA PRO A 157 -4.79 12.53 4.65
CA PRO A 157 -4.79 12.55 4.66
C PRO A 157 -3.34 12.07 4.72
N ILE A 158 -2.91 11.77 5.94
CA ILE A 158 -1.58 11.23 6.19
C ILE A 158 -1.67 9.90 6.92
N LEU A 159 -0.58 9.15 6.84
CA LEU A 159 -0.34 7.96 7.64
CA LEU A 159 -0.34 7.95 7.63
C LEU A 159 0.86 8.20 8.52
N THR A 160 0.82 7.67 9.74
CA THR A 160 2.01 7.56 10.56
C THR A 160 2.52 6.14 10.46
N ILE A 161 3.82 5.99 10.18
CA ILE A 161 4.49 4.71 10.13
C ILE A 161 5.39 4.61 11.36
N ILE A 162 5.19 3.56 12.14
CA ILE A 162 6.00 3.30 13.33
C ILE A 162 6.89 2.10 13.03
N THR A 163 8.20 2.29 13.12
CA THR A 163 9.15 1.23 12.83
C THR A 163 9.95 0.89 14.08
N LEU A 164 10.08 -0.40 14.35
CA LEU A 164 11.02 -0.90 15.33
C LEU A 164 12.33 -1.15 14.59
N GLU A 165 13.42 -0.60 15.12
CA GLU A 165 14.71 -0.61 14.43
C GLU A 165 15.81 -1.13 15.35
N ASP A 166 16.82 -1.76 14.76
CA ASP A 166 18.01 -2.08 15.53
C ASP A 166 18.89 -0.83 15.69
N SER A 167 20.04 -1.00 16.33
CA SER A 167 20.88 0.15 16.64
C SER A 167 21.48 0.81 15.40
N SER A 168 21.54 0.09 14.26
CA SER A 168 21.97 0.64 12.98
C SER A 168 20.86 1.29 12.19
N GLY A 169 19.62 1.18 12.64
CA GLY A 169 18.48 1.64 11.88
C GLY A 169 17.87 0.60 10.96
N ASN A 170 18.31 -0.66 11.03
CA ASN A 170 17.71 -1.71 10.21
C ASN A 170 16.34 -2.09 10.73
N LEU A 171 15.48 -2.52 9.82
CA LEU A 171 14.09 -2.80 10.14
C LEU A 171 13.96 -4.07 10.99
N LEU A 172 13.25 -3.97 12.12
CA LEU A 172 12.83 -5.11 12.90
C LEU A 172 11.32 -5.35 12.89
N GLY A 173 10.53 -4.30 12.70
CA GLY A 173 9.08 -4.42 12.68
C GLY A 173 8.48 -3.11 12.21
N ARG A 174 7.23 -3.18 11.74
CA ARG A 174 6.57 -2.00 11.21
C ARG A 174 5.07 -2.12 11.41
N ASP A 175 4.44 -0.99 11.73
CA ASP A 175 2.99 -0.87 11.80
C ASP A 175 2.65 0.55 11.38
N SER A 176 1.36 0.82 11.16
CA SER A 176 0.99 2.15 10.68
C SER A 176 -0.49 2.40 10.92
N PHE A 177 -0.87 3.67 10.86
CA PHE A 177 -2.25 4.09 11.06
C PHE A 177 -2.45 5.44 10.37
N GLU A 178 -3.64 5.67 9.85
CA GLU A 178 -4.00 6.97 9.33
C GLU A 178 -4.21 7.95 10.48
N VAL A 179 -3.99 9.24 10.23
CA VAL A 179 -4.20 10.28 11.23
C VAL A 179 -5.00 11.42 10.62
N ARG A 180 -5.99 11.91 11.36
CA ARG A 180 -6.64 13.18 11.07
C ARG A 180 -6.50 14.06 12.29
N VAL A 181 -5.89 15.23 12.11
CA VAL A 181 -5.74 16.21 13.19
C VAL A 181 -6.83 17.25 12.97
N CYS A 182 -7.75 17.38 13.92
CA CYS A 182 -8.97 18.13 13.68
C CYS A 182 -9.50 18.67 15.00
N ALA A 183 -10.47 19.59 14.88
CA ALA A 183 -10.99 20.28 16.06
C ALA A 183 -11.86 19.36 16.92
N CYS A 184 -12.62 18.47 16.29
CA CYS A 184 -13.60 17.62 17.00
C CYS A 184 -13.40 16.17 16.61
N PRO A 185 -12.39 15.50 17.18
CA PRO A 185 -12.12 14.12 16.79
C PRO A 185 -13.26 13.14 17.06
N GLY A 186 -14.04 13.35 18.12
CA GLY A 186 -15.14 12.43 18.40
C GLY A 186 -16.22 12.48 17.33
N ARG A 187 -16.61 13.69 16.94
CA ARG A 187 -17.60 13.84 15.88
C ARG A 187 -17.06 13.32 14.55
N ASP A 188 -15.80 13.63 14.22
CA ASP A 188 -15.28 13.20 12.93
C ASP A 188 -15.14 11.68 12.87
N ARG A 189 -14.72 11.04 13.97
CA ARG A 189 -14.69 9.58 13.98
C ARG A 189 -16.08 9.01 13.77
N ARG A 190 -17.08 9.55 14.45
CA ARG A 190 -18.45 9.06 14.28
C ARG A 190 -18.91 9.23 12.83
N THR A 191 -18.63 10.39 12.23
CA THR A 191 -19.05 10.64 10.85
C THR A 191 -18.38 9.67 9.89
N GLU A 192 -17.07 9.50 10.01
CA GLU A 192 -16.34 8.64 9.08
C GLU A 192 -16.72 7.18 9.26
N GLU A 193 -16.96 6.74 10.49
CA GLU A 193 -17.41 5.36 10.70
C GLU A 193 -18.80 5.14 10.12
N GLU A 194 -19.67 6.15 10.23
CA GLU A 194 -21.00 6.04 9.62
C GLU A 194 -20.89 6.01 8.10
N ASN A 195 -20.02 6.84 7.52
CA ASN A 195 -19.83 6.80 6.08
C ASN A 195 -19.34 5.44 5.62
N LEU A 196 -18.41 4.84 6.38
CA LEU A 196 -17.92 3.51 6.05
C LEU A 196 -19.04 2.47 6.10
N ARG A 197 -19.86 2.53 7.14
CA ARG A 197 -20.95 1.57 7.26
C ARG A 197 -21.97 1.71 6.13
N LYS A 198 -22.28 2.95 5.74
CA LYS A 198 -23.22 3.17 4.65
C LYS A 198 -22.66 2.67 3.33
N LYS A 199 -21.35 2.72 3.15
CA LYS A 199 -20.72 2.22 1.93
C LYS A 199 -20.62 0.70 1.96
N SER B 1 5.90 -1.39 -33.12
CA SER B 1 5.30 -2.68 -32.81
C SER B 1 6.28 -3.59 -32.10
N SER B 2 5.75 -4.57 -31.38
CA SER B 2 6.56 -5.52 -30.63
C SER B 2 6.00 -6.91 -30.82
N SER B 3 6.86 -7.92 -30.67
CA SER B 3 6.41 -9.30 -30.72
C SER B 3 5.43 -9.57 -29.59
N VAL B 4 4.60 -10.59 -29.77
CA VAL B 4 3.46 -10.85 -28.89
C VAL B 4 3.82 -11.99 -27.94
N PRO B 5 3.87 -11.74 -26.63
CA PRO B 5 4.14 -12.83 -25.69
C PRO B 5 3.02 -13.86 -25.74
N SER B 6 3.38 -15.13 -25.55
CA SER B 6 2.38 -16.17 -25.54
C SER B 6 1.47 -16.01 -24.33
N GLN B 7 0.19 -16.34 -24.52
CA GLN B 7 -0.77 -16.40 -23.44
C GLN B 7 -1.28 -17.82 -23.18
N LYS B 8 -0.66 -18.83 -23.78
CA LYS B 8 -1.17 -20.18 -23.68
C LYS B 8 -0.96 -20.75 -22.28
N THR B 9 -2.03 -21.31 -21.71
CA THR B 9 -1.94 -21.92 -20.39
C THR B 9 -0.96 -23.09 -20.43
N TYR B 10 -0.09 -23.16 -19.42
CA TYR B 10 0.96 -24.17 -19.39
C TYR B 10 1.27 -24.44 -17.92
N GLN B 11 0.79 -25.57 -17.39
CA GLN B 11 1.03 -25.85 -15.98
C GLN B 11 2.49 -26.18 -15.70
N GLY B 12 3.16 -26.84 -16.63
CA GLY B 12 4.55 -27.18 -16.42
C GLY B 12 4.76 -28.25 -15.35
N SER B 13 6.03 -28.42 -15.01
CA SER B 13 6.45 -29.53 -14.14
C SER B 13 5.91 -29.38 -12.72
N TYR B 14 5.63 -28.15 -12.28
CA TYR B 14 5.20 -27.92 -10.91
C TYR B 14 3.69 -27.82 -10.77
N GLY B 15 2.93 -27.97 -11.86
CA GLY B 15 1.49 -27.86 -11.78
C GLY B 15 1.02 -26.46 -11.41
N PHE B 16 1.59 -25.46 -12.07
CA PHE B 16 1.34 -24.07 -11.74
C PHE B 16 0.01 -23.60 -12.31
N ARG B 17 -0.79 -22.93 -11.48
CA ARG B 17 -2.02 -22.29 -11.95
C ARG B 17 -2.44 -21.22 -10.95
N LEU B 18 -3.29 -20.31 -11.41
CA LEU B 18 -3.75 -19.21 -10.57
C LEU B 18 -5.02 -19.59 -9.81
N GLY B 19 -5.37 -18.77 -8.82
CA GLY B 19 -6.67 -18.86 -8.17
C GLY B 19 -7.09 -17.48 -7.73
N PHE B 20 -8.38 -17.32 -7.48
CA PHE B 20 -8.94 -16.03 -7.11
C PHE B 20 -9.93 -16.20 -5.97
N LEU B 21 -10.01 -15.18 -5.12
CA LEU B 21 -11.02 -15.17 -4.06
C LEU B 21 -12.42 -15.11 -4.66
N HIS B 22 -13.41 -15.40 -3.83
CA HIS B 22 -14.82 -15.31 -4.20
C HIS B 22 -15.40 -14.10 -3.48
N SER B 23 -15.27 -12.93 -4.10
CA SER B 23 -15.55 -11.66 -3.45
C SER B 23 -16.95 -11.14 -3.71
N GLY B 24 -17.70 -11.76 -4.61
CA GLY B 24 -19.06 -11.34 -4.85
C GLY B 24 -19.15 -10.10 -5.73
N THR B 25 -20.38 -9.61 -5.88
CA THR B 25 -20.64 -8.54 -6.82
C THR B 25 -21.37 -7.35 -6.18
N ALA B 26 -21.27 -7.18 -4.87
CA ALA B 26 -21.88 -6.03 -4.21
C ALA B 26 -21.30 -4.73 -4.76
N LYS B 27 -22.10 -3.66 -4.64
CA LYS B 27 -21.71 -2.38 -5.21
C LYS B 27 -20.38 -1.87 -4.66
N SER B 28 -20.05 -2.23 -3.42
CA SER B 28 -18.86 -1.73 -2.75
C SER B 28 -17.61 -2.54 -3.03
N VAL B 29 -17.71 -3.66 -3.74
CA VAL B 29 -16.55 -4.52 -3.93
C VAL B 29 -15.50 -3.82 -4.78
N THR B 30 -14.23 -3.96 -4.39
CA THR B 30 -13.13 -3.29 -5.06
C THR B 30 -12.43 -4.18 -6.08
N CYS B 31 -12.60 -5.49 -5.98
CA CYS B 31 -11.97 -6.44 -6.90
C CYS B 31 -12.82 -7.69 -6.85
N THR B 32 -13.17 -8.22 -8.02
CA THR B 32 -13.97 -9.44 -8.09
C THR B 32 -13.64 -10.19 -9.37
N TYR B 33 -13.59 -11.51 -9.29
CA TYR B 33 -13.17 -12.35 -10.41
C TYR B 33 -14.35 -13.17 -10.92
N SER B 34 -14.53 -13.20 -12.24
CA SER B 34 -15.56 -13.99 -12.88
C SER B 34 -14.96 -15.26 -13.46
N PRO B 35 -15.21 -16.44 -12.89
CA PRO B 35 -14.76 -17.68 -13.55
C PRO B 35 -15.36 -17.89 -14.92
N ALA B 36 -16.64 -17.54 -15.11
CA ALA B 36 -17.27 -17.79 -16.40
C ALA B 36 -16.62 -16.98 -17.52
N LEU B 37 -16.14 -15.78 -17.20
CA LEU B 37 -15.49 -14.91 -18.18
C LEU B 37 -13.97 -15.00 -18.14
N ASN B 38 -13.39 -15.73 -17.17
CA ASN B 38 -11.97 -15.64 -16.85
C ASN B 38 -11.49 -14.19 -16.83
N LYS B 39 -12.20 -13.37 -16.05
CA LYS B 39 -11.99 -11.94 -16.09
C LYS B 39 -12.05 -11.35 -14.69
N LEU B 40 -11.01 -10.58 -14.36
CA LEU B 40 -10.93 -9.84 -13.11
C LEU B 40 -11.43 -8.41 -13.34
N PHE B 41 -12.29 -7.93 -12.45
CA PHE B 41 -12.83 -6.57 -12.48
C PHE B 41 -12.33 -5.87 -11.23
N CYS B 42 -11.72 -4.70 -11.39
CA CYS B 42 -11.15 -4.05 -10.22
C CYS B 42 -11.23 -2.54 -10.36
N GLN B 43 -11.21 -1.87 -9.22
CA GLN B 43 -11.13 -0.41 -9.18
C GLN B 43 -9.68 0.03 -9.39
N LEU B 44 -9.53 1.29 -9.77
CA LEU B 44 -8.23 1.90 -10.03
C LEU B 44 -7.33 1.82 -8.80
N ALA B 45 -6.17 1.21 -8.97
CA ALA B 45 -5.09 1.19 -7.99
C ALA B 45 -5.41 0.41 -6.72
N LYS B 46 -6.52 -0.32 -6.68
CA LYS B 46 -6.88 -1.06 -5.48
C LYS B 46 -6.22 -2.44 -5.49
N THR B 47 -6.16 -3.04 -4.30
CA THR B 47 -5.54 -4.35 -4.13
C THR B 47 -6.28 -5.42 -4.92
N CYS B 48 -5.54 -6.17 -5.74
CA CYS B 48 -6.08 -7.32 -6.48
C CYS B 48 -5.34 -8.57 -6.03
N PRO B 49 -5.92 -9.38 -5.14
CA PRO B 49 -5.23 -10.61 -4.71
C PRO B 49 -5.28 -11.66 -5.79
N VAL B 50 -4.11 -12.19 -6.14
CA VAL B 50 -4.01 -13.29 -7.10
C VAL B 50 -3.28 -14.42 -6.42
N GLN B 51 -3.90 -15.59 -6.37
CA GLN B 51 -3.31 -16.75 -5.73
C GLN B 51 -2.46 -17.53 -6.71
N LEU B 52 -1.38 -18.11 -6.19
CA LEU B 52 -0.52 -19.02 -6.93
C LEU B 52 -0.63 -20.39 -6.29
N TRP B 53 -0.91 -21.39 -7.12
CA TRP B 53 -1.03 -22.78 -6.70
C TRP B 53 -0.03 -23.64 -7.46
N VAL B 54 0.62 -24.57 -6.76
CA VAL B 54 1.49 -25.56 -7.39
C VAL B 54 1.23 -26.92 -6.74
N ASP B 55 1.50 -27.99 -7.50
CA ASP B 55 1.42 -29.34 -6.95
C ASP B 55 2.72 -29.77 -6.28
N SER B 56 3.84 -29.15 -6.63
CA SER B 56 5.11 -29.48 -6.01
C SER B 56 5.93 -28.21 -5.87
N THR B 57 6.86 -28.23 -4.93
CA THR B 57 7.60 -27.04 -4.53
C THR B 57 8.65 -26.70 -5.57
N PRO B 58 8.61 -25.50 -6.17
CA PRO B 58 9.66 -25.09 -7.11
C PRO B 58 10.94 -24.70 -6.36
N PRO B 59 12.06 -24.64 -7.07
CA PRO B 59 13.36 -24.41 -6.40
C PRO B 59 13.50 -23.00 -5.85
N PRO B 60 14.37 -22.80 -4.87
CA PRO B 60 14.71 -21.44 -4.44
C PRO B 60 15.21 -20.63 -5.62
N GLY B 61 14.76 -19.37 -5.71
CA GLY B 61 15.11 -18.52 -6.83
C GLY B 61 14.07 -18.47 -7.92
N THR B 62 13.05 -19.32 -7.85
CA THR B 62 11.92 -19.21 -8.76
C THR B 62 11.24 -17.85 -8.56
N ARG B 63 10.76 -17.26 -9.66
CA ARG B 63 10.12 -15.95 -9.63
C ARG B 63 8.78 -16.01 -10.34
N VAL B 64 7.97 -14.96 -10.14
CA VAL B 64 6.65 -14.86 -10.75
C VAL B 64 6.53 -13.48 -11.39
N ARG B 65 6.26 -13.47 -12.69
CA ARG B 65 6.19 -12.25 -13.48
C ARG B 65 4.77 -11.99 -13.97
N ALA B 66 4.39 -10.71 -14.00
CA ALA B 66 3.11 -10.28 -14.54
C ALA B 66 3.35 -9.28 -15.68
N MET B 67 2.59 -9.43 -16.75
CA MET B 67 2.68 -8.57 -17.93
C MET B 67 1.29 -8.46 -18.54
N ALA B 68 0.95 -7.28 -19.04
CA ALA B 68 -0.33 -7.07 -19.71
C ALA B 68 -0.13 -7.05 -21.22
N ILE B 69 -1.09 -7.62 -21.96
CA ILE B 69 -1.15 -7.46 -23.40
C ILE B 69 -2.60 -7.13 -23.80
N TYR B 70 -2.76 -6.50 -24.95
CA TYR B 70 -4.11 -6.30 -25.48
C TYR B 70 -4.68 -7.62 -25.99
N LYS B 71 -5.98 -7.83 -25.74
CA LYS B 71 -6.65 -9.07 -26.10
C LYS B 71 -6.94 -9.16 -27.59
N GLN B 72 -7.35 -8.05 -28.21
CA GLN B 72 -7.80 -8.08 -29.60
C GLN B 72 -6.62 -8.21 -30.56
N SER B 73 -6.85 -8.93 -31.65
N SER B 73 -6.85 -8.93 -31.66
CA SER B 73 -5.77 -9.20 -32.60
CA SER B 73 -5.76 -9.21 -32.60
C SER B 73 -5.18 -7.91 -33.17
C SER B 73 -5.17 -7.94 -33.17
N GLN B 74 -6.02 -6.90 -33.41
N GLN B 74 -5.99 -6.92 -33.43
CA GLN B 74 -5.54 -5.66 -34.00
CA GLN B 74 -5.47 -5.70 -34.03
C GLN B 74 -4.68 -4.83 -33.06
C GLN B 74 -4.64 -4.86 -33.06
N HIS B 75 -4.71 -5.13 -31.76
CA HIS B 75 -3.98 -4.35 -30.78
C HIS B 75 -2.89 -5.12 -30.06
N MET B 76 -2.79 -6.43 -30.26
CA MET B 76 -1.89 -7.24 -29.43
CA MET B 76 -1.89 -7.25 -29.43
C MET B 76 -0.43 -6.86 -29.61
N THR B 77 -0.04 -6.30 -30.77
CA THR B 77 1.36 -5.91 -30.95
C THR B 77 1.72 -4.59 -30.30
N GLU B 78 0.76 -3.86 -29.74
CA GLU B 78 1.04 -2.58 -29.10
C GLU B 78 1.34 -2.78 -27.62
N VAL B 79 2.39 -2.14 -27.12
CA VAL B 79 2.72 -2.23 -25.70
C VAL B 79 1.59 -1.63 -24.87
N VAL B 80 1.14 -2.36 -23.85
CA VAL B 80 0.18 -1.84 -22.88
C VAL B 80 0.93 -0.94 -21.90
N ARG B 81 0.50 0.33 -21.80
CA ARG B 81 1.16 1.28 -20.94
C ARG B 81 0.13 2.21 -20.33
N ARG B 82 0.56 2.94 -19.31
CA ARG B 82 -0.31 3.95 -18.74
C ARG B 82 -0.50 5.11 -19.71
N CYS B 83 -1.64 5.79 -19.57
CA CYS B 83 -2.09 6.81 -20.48
C CYS B 83 -1.28 8.10 -20.29
N PRO B 84 -1.43 9.08 -21.19
CA PRO B 84 -0.60 10.28 -21.10
C PRO B 84 -0.83 11.09 -19.84
N HIS B 85 -2.02 10.98 -19.24
CA HIS B 85 -2.25 11.64 -17.96
C HIS B 85 -1.56 10.90 -16.81
N HIS B 86 -1.87 9.60 -16.67
CA HIS B 86 -1.42 8.88 -15.48
C HIS B 86 0.10 8.70 -15.44
N GLU B 87 0.76 8.59 -16.60
CA GLU B 87 2.21 8.49 -16.56
C GLU B 87 2.87 9.77 -16.05
N ARG B 88 2.13 10.89 -16.00
CA ARG B 88 2.65 12.19 -15.57
C ARG B 88 2.08 12.65 -14.24
N CYS B 89 1.46 11.77 -13.45
N CYS B 89 1.49 11.74 -13.45
CA CYS B 89 0.79 12.25 -12.24
CA CYS B 89 0.77 12.10 -12.23
C CYS B 89 1.60 12.05 -10.96
C CYS B 89 1.64 12.18 -10.98
N SER B 90 2.90 11.74 -11.07
CA SER B 90 3.80 11.69 -9.89
C SER B 90 3.26 10.77 -8.80
N ASP B 91 2.70 9.63 -9.18
CA ASP B 91 2.16 8.69 -8.22
C ASP B 91 3.02 7.43 -8.06
N SER B 92 4.27 7.46 -8.53
CA SER B 92 5.16 6.32 -8.37
C SER B 92 5.53 6.13 -6.90
N ASP B 93 5.85 4.89 -6.55
CA ASP B 93 6.26 4.52 -5.20
C ASP B 93 7.77 4.47 -5.05
N GLY B 94 8.51 5.04 -5.99
CA GLY B 94 9.95 4.94 -5.98
C GLY B 94 10.49 3.68 -6.61
N LEU B 95 9.66 2.66 -6.81
CA LEU B 95 10.05 1.41 -7.44
C LEU B 95 9.46 1.25 -8.84
N ALA B 96 8.14 1.40 -8.96
CA ALA B 96 7.50 1.22 -10.25
C ALA B 96 7.75 2.44 -11.14
N PRO B 97 8.21 2.26 -12.37
CA PRO B 97 8.25 3.38 -13.30
C PRO B 97 6.86 3.91 -13.51
N PRO B 98 6.70 5.23 -13.70
CA PRO B 98 5.34 5.79 -13.84
C PRO B 98 4.59 5.32 -15.07
N GLN B 99 5.28 4.71 -16.04
CA GLN B 99 4.60 4.20 -17.24
C GLN B 99 3.96 2.84 -17.04
N HIS B 100 4.34 2.11 -16.00
CA HIS B 100 3.89 0.72 -15.87
C HIS B 100 2.46 0.62 -15.37
N LEU B 101 1.63 -0.13 -16.10
CA LEU B 101 0.25 -0.34 -15.68
C LEU B 101 0.17 -1.18 -14.41
N ILE B 102 0.94 -2.26 -14.32
CA ILE B 102 0.82 -3.25 -13.25
C ILE B 102 1.91 -3.01 -12.21
N ARG B 103 1.50 -2.82 -10.96
CA ARG B 103 2.41 -2.77 -9.82
C ARG B 103 2.13 -3.94 -8.89
N VAL B 104 3.16 -4.31 -8.13
CA VAL B 104 2.98 -5.20 -6.98
C VAL B 104 2.94 -4.34 -5.73
N GLU B 105 1.95 -4.59 -4.88
CA GLU B 105 1.76 -3.85 -3.64
C GLU B 105 2.45 -4.59 -2.50
N GLY B 106 3.23 -3.85 -1.72
CA GLY B 106 3.76 -4.39 -0.47
C GLY B 106 4.82 -5.46 -0.60
N ASN B 107 5.73 -5.33 -1.56
CA ASN B 107 6.83 -6.27 -1.71
C ASN B 107 8.06 -5.49 -2.17
N LEU B 108 8.97 -5.22 -1.23
CA LEU B 108 10.19 -4.48 -1.57
C LEU B 108 11.13 -5.26 -2.49
N ARG B 109 10.87 -6.54 -2.74
CA ARG B 109 11.68 -7.30 -3.69
C ARG B 109 11.11 -7.29 -5.10
N ALA B 110 10.03 -6.56 -5.34
CA ALA B 110 9.51 -6.43 -6.69
C ALA B 110 10.51 -5.71 -7.57
N GLU B 111 10.68 -6.21 -8.79
CA GLU B 111 11.52 -5.59 -9.80
C GLU B 111 10.68 -5.31 -11.03
N TYR B 112 10.95 -4.17 -11.67
CA TYR B 112 10.21 -3.72 -12.83
C TYR B 112 11.14 -3.75 -14.04
N LEU B 113 10.70 -4.40 -15.11
CA LEU B 113 11.48 -4.55 -16.32
C LEU B 113 10.86 -3.76 -17.46
N ASP B 114 11.69 -2.98 -18.14
CA ASP B 114 11.41 -2.44 -19.47
C ASP B 114 12.23 -3.30 -20.43
N ASP B 115 11.57 -4.16 -21.20
CA ASP B 115 12.33 -5.08 -22.03
C ASP B 115 13.10 -4.32 -23.10
N ARG B 116 14.41 -4.58 -23.19
CA ARG B 116 15.24 -3.81 -24.10
C ARG B 116 14.95 -4.08 -25.56
N ASN B 117 14.34 -5.22 -25.88
CA ASN B 117 14.04 -5.58 -27.26
C ASN B 117 12.60 -5.31 -27.64
N THR B 118 11.64 -5.73 -26.80
CA THR B 118 10.22 -5.62 -27.10
C THR B 118 9.59 -4.35 -26.51
N PHE B 119 10.26 -3.68 -25.58
CA PHE B 119 9.76 -2.49 -24.91
C PHE B 119 8.57 -2.77 -23.99
N ARG B 120 8.21 -4.03 -23.79
CA ARG B 120 7.10 -4.33 -22.91
C ARG B 120 7.49 -4.22 -21.45
N HIS B 121 6.51 -3.92 -20.62
CA HIS B 121 6.68 -3.74 -19.19
C HIS B 121 6.28 -5.01 -18.45
N SER B 122 6.98 -5.30 -17.36
CA SER B 122 6.54 -6.37 -16.48
C SER B 122 7.05 -6.09 -15.07
N VAL B 123 6.46 -6.79 -14.10
CA VAL B 123 6.86 -6.72 -12.71
C VAL B 123 7.03 -8.14 -12.20
N VAL B 124 8.13 -8.41 -11.51
CA VAL B 124 8.51 -9.76 -11.11
C VAL B 124 8.87 -9.76 -9.63
N VAL B 125 8.46 -10.80 -8.92
CA VAL B 125 8.79 -10.99 -7.50
C VAL B 125 9.30 -12.40 -7.28
N PRO B 126 10.04 -12.62 -6.20
CA PRO B 126 10.38 -14.00 -5.82
C PRO B 126 9.12 -14.80 -5.52
N CYS B 127 9.12 -16.05 -5.94
CA CYS B 127 8.08 -16.97 -5.55
C CYS B 127 8.35 -17.39 -4.11
N GLU B 128 7.33 -17.32 -3.27
CA GLU B 128 7.49 -17.65 -1.86
C GLU B 128 6.52 -18.76 -1.50
N PRO B 129 6.89 -19.63 -0.55
CA PRO B 129 5.94 -20.65 -0.09
C PRO B 129 4.80 -20.00 0.68
N PRO B 130 3.67 -20.69 0.80
CA PRO B 130 2.54 -20.13 1.56
C PRO B 130 2.92 -19.85 3.01
N GLU B 131 2.28 -18.83 3.57
CA GLU B 131 2.46 -18.52 4.97
C GLU B 131 1.92 -19.66 5.84
N VAL B 132 2.32 -19.64 7.11
CA VAL B 132 1.77 -20.55 8.09
C VAL B 132 0.25 -20.53 8.03
N GLY B 133 -0.34 -21.72 8.00
CA GLY B 133 -1.77 -21.87 7.97
C GLY B 133 -2.45 -21.39 6.71
N SER B 134 -1.74 -21.37 5.58
CA SER B 134 -2.33 -21.06 4.29
C SER B 134 -1.92 -22.13 3.29
N ASP B 135 -2.80 -22.40 2.32
CA ASP B 135 -2.54 -23.42 1.32
C ASP B 135 -1.97 -22.87 0.02
N CYS B 136 -1.90 -21.56 -0.14
CA CYS B 136 -1.37 -20.98 -1.37
C CYS B 136 -0.65 -19.69 -1.03
N THR B 137 0.02 -19.15 -2.03
CA THR B 137 0.69 -17.86 -1.91
C THR B 137 -0.14 -16.85 -2.68
N THR B 138 -0.22 -15.63 -2.15
CA THR B 138 -0.97 -14.57 -2.78
C THR B 138 -0.04 -13.40 -3.11
N ILE B 139 -0.20 -12.87 -4.32
CA ILE B 139 0.44 -11.63 -4.73
C ILE B 139 -0.65 -10.57 -4.81
N HIS B 140 -0.35 -9.37 -4.33
CA HIS B 140 -1.27 -8.24 -4.43
C HIS B 140 -0.83 -7.35 -5.59
N TYR B 141 -1.64 -7.29 -6.64
CA TYR B 141 -1.38 -6.42 -7.78
C TYR B 141 -2.24 -5.16 -7.70
N ASN B 142 -1.75 -4.09 -8.33
CA ASN B 142 -2.50 -2.86 -8.52
C ASN B 142 -2.46 -2.52 -10.00
N TYR B 143 -3.60 -2.13 -10.56
CA TYR B 143 -3.70 -1.67 -11.94
C TYR B 143 -3.88 -0.16 -11.94
N MET B 144 -3.02 0.55 -12.67
CA MET B 144 -2.81 1.98 -12.44
C MET B 144 -3.45 2.89 -13.48
N CYS B 145 -4.28 2.35 -14.37
CA CYS B 145 -5.15 3.13 -15.26
C CYS B 145 -6.49 2.42 -15.35
N TYR B 146 -7.54 3.19 -15.65
CA TYR B 146 -8.82 2.59 -16.03
C TYR B 146 -8.72 2.02 -17.43
N SER B 147 -9.51 0.96 -17.69
CA SER B 147 -9.62 0.45 -19.05
C SER B 147 -9.99 1.53 -20.05
N SER B 148 -10.76 2.53 -19.61
CA SER B 148 -11.24 3.58 -20.48
C SER B 148 -10.26 4.72 -20.70
N CYS B 149 -9.10 4.72 -20.05
CA CYS B 149 -8.22 5.89 -20.09
C CYS B 149 -7.88 6.32 -21.52
N MET B 150 -8.21 7.56 -21.83
CA MET B 150 -7.97 8.16 -23.14
C MET B 150 -6.46 8.18 -23.43
N GLY B 151 -6.08 7.73 -24.62
CA GLY B 151 -4.67 7.71 -24.99
C GLY B 151 -3.87 6.58 -24.39
N GLY B 152 -4.47 5.76 -23.54
CA GLY B 152 -3.84 4.56 -23.03
C GLY B 152 -4.62 3.35 -23.49
N MET B 153 -5.17 2.58 -22.54
CA MET B 153 -5.95 1.41 -22.93
C MET B 153 -7.14 1.81 -23.80
N ASN B 154 -7.76 2.96 -23.54
CA ASN B 154 -8.78 3.54 -24.44
C ASN B 154 -9.90 2.55 -24.76
N ARG B 155 -10.40 1.89 -23.72
N ARG B 155 -10.40 1.89 -23.73
CA ARG B 155 -11.51 0.94 -23.76
CA ARG B 155 -11.52 0.94 -23.78
C ARG B 155 -11.16 -0.41 -24.37
C ARG B 155 -11.15 -0.40 -24.38
N ARG B 156 -9.89 -0.63 -24.72
CA ARG B 156 -9.50 -1.92 -25.30
C ARG B 156 -9.25 -2.94 -24.19
N PRO B 157 -9.84 -4.13 -24.28
CA PRO B 157 -9.61 -5.14 -23.24
C PRO B 157 -8.17 -5.63 -23.22
N ILE B 158 -7.70 -5.96 -22.01
CA ILE B 158 -6.37 -6.50 -21.81
C ILE B 158 -6.46 -7.85 -21.12
N LEU B 159 -5.37 -8.61 -21.26
CA LEU B 159 -5.10 -9.79 -20.46
C LEU B 159 -3.86 -9.54 -19.61
N THR B 160 -3.84 -10.11 -18.42
CA THR B 160 -2.61 -10.24 -17.66
C THR B 160 -2.11 -11.67 -17.81
N ILE B 161 -0.82 -11.80 -18.14
CA ILE B 161 -0.15 -13.09 -18.26
C ILE B 161 0.76 -13.21 -17.04
N ILE B 162 0.58 -14.29 -16.28
CA ILE B 162 1.42 -14.58 -15.12
C ILE B 162 2.31 -15.76 -15.49
N THR B 163 3.61 -15.56 -15.38
CA THR B 163 4.57 -16.60 -15.69
C THR B 163 5.38 -16.96 -14.45
N LEU B 164 5.51 -18.26 -14.20
CA LEU B 164 6.45 -18.78 -13.24
C LEU B 164 7.76 -19.02 -13.98
N GLU B 165 8.86 -18.51 -13.43
CA GLU B 165 10.15 -18.50 -14.11
C GLU B 165 11.24 -19.03 -13.20
N ASP B 166 12.28 -19.62 -13.79
CA ASP B 166 13.45 -19.95 -12.99
C ASP B 166 14.31 -18.71 -12.80
N SER B 167 15.45 -18.86 -12.14
CA SER B 167 16.27 -17.69 -11.79
C SER B 167 16.90 -17.02 -13.01
N SER B 168 16.97 -17.72 -14.15
CA SER B 168 17.44 -17.15 -15.41
C SER B 168 16.33 -16.48 -16.21
N GLY B 169 15.08 -16.62 -15.79
CA GLY B 169 13.96 -16.13 -16.58
C GLY B 169 13.34 -17.14 -17.52
N ASN B 170 13.79 -18.39 -17.48
CA ASN B 170 13.20 -19.42 -18.33
C ASN B 170 11.82 -19.82 -17.83
N LEU B 171 10.95 -20.14 -18.78
CA LEU B 171 9.56 -20.45 -18.48
C LEU B 171 9.43 -21.76 -17.70
N LEU B 172 8.70 -21.71 -16.58
CA LEU B 172 8.28 -22.90 -15.87
C LEU B 172 6.77 -23.15 -15.92
N GLY B 173 5.96 -22.10 -16.03
CA GLY B 173 4.52 -22.24 -16.10
C GLY B 173 3.91 -20.92 -16.51
N ARG B 174 2.66 -20.99 -17.00
CA ARG B 174 2.00 -19.80 -17.50
C ARG B 174 0.49 -19.92 -17.29
N ASP B 175 -0.13 -18.80 -16.94
CA ASP B 175 -1.59 -18.70 -16.82
C ASP B 175 -1.95 -17.26 -17.16
N SER B 176 -3.24 -16.99 -17.32
CA SER B 176 -3.64 -15.64 -17.74
C SER B 176 -5.10 -15.40 -17.41
N PHE B 177 -5.48 -14.12 -17.39
CA PHE B 177 -6.85 -13.71 -17.14
C PHE B 177 -7.08 -12.34 -17.76
N GLU B 178 -8.31 -12.11 -18.21
CA GLU B 178 -8.67 -10.78 -18.69
CA GLU B 178 -8.67 -10.78 -18.69
C GLU B 178 -8.84 -9.84 -17.49
N VAL B 179 -8.66 -8.53 -17.74
CA VAL B 179 -8.83 -7.53 -16.69
C VAL B 179 -9.64 -6.37 -17.25
N ARG B 180 -10.60 -5.89 -16.45
CA ARG B 180 -11.26 -4.62 -16.68
C ARG B 180 -11.05 -3.78 -15.42
N VAL B 181 -10.44 -2.62 -15.58
CA VAL B 181 -10.27 -1.66 -14.49
C VAL B 181 -11.37 -0.63 -14.64
N CYS B 182 -12.24 -0.52 -13.64
CA CYS B 182 -13.47 0.25 -13.80
C CYS B 182 -13.93 0.76 -12.44
N ALA B 183 -14.87 1.71 -12.48
CA ALA B 183 -15.35 2.34 -11.26
C ALA B 183 -16.22 1.41 -10.43
N CYS B 184 -16.99 0.52 -11.05
CA CYS B 184 -17.93 -0.34 -10.33
C CYS B 184 -17.75 -1.79 -10.78
N PRO B 185 -16.73 -2.47 -10.25
CA PRO B 185 -16.47 -3.85 -10.69
C PRO B 185 -17.62 -4.80 -10.44
N GLY B 186 -18.33 -4.66 -9.32
CA GLY B 186 -19.42 -5.57 -9.04
C GLY B 186 -20.53 -5.47 -10.07
N ARG B 187 -20.94 -4.24 -10.38
CA ARG B 187 -21.97 -4.02 -11.38
C ARG B 187 -21.51 -4.49 -12.75
N ASP B 188 -20.26 -4.21 -13.11
CA ASP B 188 -19.80 -4.58 -14.44
C ASP B 188 -19.67 -6.10 -14.59
N ARG B 189 -19.23 -6.78 -13.54
CA ARG B 189 -19.21 -8.24 -13.58
C ARG B 189 -20.61 -8.80 -13.77
N ARG B 190 -21.58 -8.29 -13.02
CA ARG B 190 -22.96 -8.77 -13.17
C ARG B 190 -23.47 -8.55 -14.59
N THR B 191 -23.21 -7.37 -15.14
CA THR B 191 -23.64 -7.04 -16.50
C THR B 191 -23.02 -7.97 -17.52
N GLU B 192 -21.70 -8.16 -17.46
CA GLU B 192 -21.03 -8.98 -18.45
C GLU B 192 -21.40 -10.45 -18.31
N GLU B 193 -21.63 -10.93 -17.08
CA GLU B 193 -22.11 -12.30 -16.90
C GLU B 193 -23.54 -12.46 -17.39
N GLU B 194 -24.37 -11.43 -17.23
CA GLU B 194 -25.73 -11.48 -17.76
C GLU B 194 -25.71 -11.50 -19.28
N ASN B 195 -24.83 -10.71 -19.90
CA ASN B 195 -24.70 -10.73 -21.36
C ASN B 195 -24.24 -12.10 -21.84
N LEU B 196 -23.29 -12.71 -21.13
CA LEU B 196 -22.83 -14.05 -21.50
C LEU B 196 -23.98 -15.05 -21.50
N ARG B 197 -24.85 -14.97 -20.49
CA ARG B 197 -25.99 -15.88 -20.42
C ARG B 197 -26.98 -15.62 -21.54
N LYS B 198 -27.19 -14.36 -21.90
CA LYS B 198 -28.16 -13.99 -22.93
C LYS B 198 -27.64 -14.33 -24.33
ZN ZN C . -0.37 24.24 10.53
N1 EYE D . 8.04 -3.92 25.15
C1 EYE D . 7.02 -4.80 25.51
C2 EYE D . 7.58 -5.90 26.23
C3 EYE D . 6.75 -6.94 26.69
C4 EYE D . 5.36 -6.88 26.46
C5 EYE D . 4.81 -5.79 25.74
C6 EYE D . 5.64 -4.75 25.27
C7 EYE D . 4.48 -8.00 26.97
C8 EYE D . 9.24 -4.43 25.62
C9 EYE D . 8.99 -5.66 26.30
C10 EYE D . 10.08 -6.36 26.86
C11 EYE D . 11.37 -5.84 26.75
C12 EYE D . 11.64 -4.61 26.10
C13 EYE D . 10.55 -3.92 25.52
C14 EYE D . 7.91 -2.66 24.41
C15 EYE D . 13.00 -4.10 25.98
C16 EYE D . 14.17 -4.57 26.55
C17 EYE D . 15.31 -3.81 26.18
C18 EYE D . 15.04 -2.79 25.32
S1 EYE D . 13.33 -2.73 24.96
C19 EYE D . 16.02 -1.82 24.74
C20 EYE D . 8.01 -2.89 22.90
N2 EYE D . 3.94 -7.68 28.30
C21 EYE D . 3.05 -8.72 28.87
ZN ZN E . -4.82 6.41 -17.17
N1 EYE F . 3.66 -22.02 -3.68
C1 EYE F . 2.63 -22.90 -3.32
C2 EYE F . 3.19 -24.00 -2.59
C3 EYE F . 2.33 -25.02 -2.12
C4 EYE F . 0.94 -24.96 -2.37
C5 EYE F . 0.41 -23.87 -3.10
C6 EYE F . 1.25 -22.84 -3.57
C7 EYE F . 0.06 -26.08 -1.87
C8 EYE F . 4.86 -22.54 -3.18
C9 EYE F . 4.59 -23.77 -2.51
C10 EYE F . 5.66 -24.46 -1.93
C11 EYE F . 6.97 -23.96 -2.02
C12 EYE F . 7.24 -22.75 -2.69
C13 EYE F . 6.17 -22.04 -3.28
C14 EYE F . 3.50 -20.78 -4.43
C15 EYE F . 8.62 -22.25 -2.77
C16 EYE F . 9.78 -22.81 -2.32
C17 EYE F . 10.94 -22.04 -2.60
C18 EYE F . 10.66 -20.88 -3.28
S1 EYE F . 8.94 -20.73 -3.58
C19 EYE F . 11.63 -19.85 -3.73
C20 EYE F . 3.60 -21.03 -5.94
N2 EYE F . -0.27 -25.83 -0.45
C21 EYE F . -1.28 -26.77 0.09
#